data_6IBE
#
_entry.id   6IBE
#
_cell.length_a   38.915
_cell.length_b   78.687
_cell.length_c   98.981
_cell.angle_alpha   90.00
_cell.angle_beta   90.00
_cell.angle_gamma   90.00
#
_symmetry.space_group_name_H-M   'P 21 21 21'
#
loop_
_entity.id
_entity.type
_entity.pdbx_description
1 polymer 'Band 4.1-like protein 3'
2 non-polymer 1,2-ETHANEDIOL
3 non-polymer '2-(N-MORPHOLINO)-ETHANESULFONIC ACID'
4 water water
#
_entity_poly.entity_id   1
_entity_poly.type   'polypeptide(L)'
_entity_poly.pdbx_seq_one_letter_code
;SMPKSMQCKVILLDGSEYTCDVEKRSRGQVLFDKVCEHLNLLEKDYFGLTYRDAENQKNWLDPAKEIKKQVRSGAWHFSF
NVKFYPPDPAQLSEDITRYYLCLQLRDDIVSGRLPCSFVTLALLGSYTVQSELGDYDPDECGSDYISEFRFAPNHTKELE
DKVIELHKSHRGMTPAEAEMHFLENAKKLSMYGVDLHHAKDSEGVEIMLGVCASGLLIYRDRLRINRFAWPKVLKISYKR
NNFYIKIRPGEFEQFESTIGFKLPNHRAAKRLWKVCVEHHTFFRLL
;
_entity_poly.pdbx_strand_id   A
#
# COMPACT_ATOMS: atom_id res chain seq x y z
N PRO A 3 25.91 -4.13 25.41
CA PRO A 3 24.67 -4.08 24.63
C PRO A 3 23.76 -2.93 25.13
N LYS A 4 23.45 -2.00 24.25
CA LYS A 4 22.58 -0.87 24.59
C LYS A 4 21.23 -1.04 23.88
N SER A 5 20.14 -1.10 24.65
CA SER A 5 18.79 -1.36 24.11
C SER A 5 18.19 -0.03 23.67
N MET A 6 17.78 0.05 22.40
CA MET A 6 16.94 1.16 21.91
C MET A 6 15.51 0.63 21.83
N GLN A 7 14.57 1.40 22.36
CA GLN A 7 13.13 1.12 22.23
C GLN A 7 12.69 1.47 20.80
N CYS A 8 11.98 0.55 20.18
CA CYS A 8 11.39 0.73 18.84
C CYS A 8 9.87 0.71 18.98
N LYS A 9 9.19 1.61 18.28
CA LYS A 9 7.73 1.61 18.19
C LYS A 9 7.34 1.41 16.73
N VAL A 10 6.49 0.44 16.47
CA VAL A 10 6.09 0.09 15.08
C VAL A 10 4.57 0.12 15.01
N ILE A 11 4.05 0.98 14.18
CA ILE A 11 2.59 1.02 13.90
C ILE A 11 2.24 -0.14 12.96
N LEU A 12 1.42 -1.06 13.46
CA LEU A 12 0.97 -2.25 12.72
C LEU A 12 -0.25 -1.86 11.87
N LEU A 13 -0.59 -2.72 10.93
CA LEU A 13 -1.59 -2.36 9.89
C LEU A 13 -3.01 -2.37 10.46
N ASP A 14 -3.24 -2.93 11.65
CA ASP A 14 -4.55 -2.80 12.32
C ASP A 14 -4.60 -1.49 13.14
N GLY A 15 -3.55 -0.67 13.12
CA GLY A 15 -3.46 0.65 13.80
C GLY A 15 -2.88 0.54 15.20
N SER A 16 -2.65 -0.68 15.69
CA SER A 16 -2.05 -0.90 17.03
C SER A 16 -0.55 -0.64 16.93
N GLU A 17 0.06 -0.46 18.11
CA GLU A 17 1.49 -0.10 18.24
C GLU A 17 2.23 -1.26 18.90
N TYR A 18 3.26 -1.77 18.24
CA TYR A 18 4.13 -2.84 18.76
C TYR A 18 5.40 -2.19 19.28
N THR A 19 5.79 -2.52 20.51
CA THR A 19 6.99 -1.99 21.16
C THR A 19 7.96 -3.15 21.38
N CYS A 20 9.21 -2.95 20.99
CA CYS A 20 10.31 -3.89 21.24
C CYS A 20 11.63 -3.15 21.36
N ASP A 21 12.67 -3.86 21.80
CA ASP A 21 14.03 -3.33 21.91
C ASP A 21 14.92 -4.03 20.89
N VAL A 22 15.86 -3.27 20.34
CA VAL A 22 16.97 -3.83 19.51
C VAL A 22 18.26 -3.18 19.97
N GLU A 23 19.39 -3.83 19.75
CA GLU A 23 20.70 -3.27 20.09
C GLU A 23 20.94 -2.03 19.20
N LYS A 24 21.55 -1.01 19.82
CA LYS A 24 21.81 0.30 19.17
C LYS A 24 22.45 0.15 17.77
N ARG A 25 23.28 -0.87 17.52
CA ARG A 25 24.02 -1.03 16.24
C ARG A 25 23.25 -1.93 15.26
N SER A 26 22.05 -2.39 15.63
CA SER A 26 21.23 -3.29 14.81
C SER A 26 21.02 -2.69 13.42
N ARG A 27 20.99 -3.60 12.44
CA ARG A 27 20.54 -3.35 11.06
C ARG A 27 19.01 -3.47 10.99
N GLY A 28 18.43 -2.94 9.91
CA GLY A 28 16.98 -2.98 9.79
C GLY A 28 16.41 -4.39 9.85
N GLN A 29 17.14 -5.39 9.33
CA GLN A 29 16.61 -6.78 9.26
C GLN A 29 16.21 -7.31 10.63
N VAL A 30 16.93 -6.91 11.66
CA VAL A 30 16.73 -7.43 13.04
C VAL A 30 15.33 -6.96 13.50
N LEU A 31 15.05 -5.66 13.35
CA LEU A 31 13.73 -5.14 13.78
C LEU A 31 12.61 -5.79 12.94
N PHE A 32 12.82 -5.84 11.64
CA PHE A 32 11.84 -6.43 10.70
C PHE A 32 11.51 -7.86 11.11
N ASP A 33 12.53 -8.66 11.42
CA ASP A 33 12.31 -10.07 11.84
C ASP A 33 11.47 -10.13 13.13
N LYS A 34 11.76 -9.28 14.11
CA LYS A 34 10.92 -9.26 15.35
C LYS A 34 9.45 -8.96 15.02
N VAL A 35 9.23 -7.97 14.16
CA VAL A 35 7.85 -7.55 13.80
C VAL A 35 7.15 -8.72 13.09
N CYS A 36 7.83 -9.31 12.13
CA CYS A 36 7.22 -10.39 11.31
C CYS A 36 6.95 -11.60 12.22
N GLU A 37 7.82 -11.89 13.19
CA GLU A 37 7.54 -13.02 14.10
C GLU A 37 6.30 -12.66 14.95
N HIS A 38 6.18 -11.43 15.42
CA HIS A 38 4.99 -11.01 16.20
C HIS A 38 3.71 -11.19 15.37
N LEU A 39 3.81 -10.93 14.06
CA LEU A 39 2.68 -11.01 13.12
C LEU A 39 2.45 -12.45 12.65
N ASN A 40 3.31 -13.42 12.97
CA ASN A 40 3.15 -14.80 12.45
CA ASN A 40 3.17 -14.81 12.46
C ASN A 40 3.24 -14.81 10.92
N LEU A 41 4.11 -13.95 10.34
CA LEU A 41 4.19 -13.74 8.89
C LEU A 41 5.46 -14.41 8.38
N LEU A 42 5.28 -15.35 7.45
CA LEU A 42 6.41 -16.05 6.79
C LEU A 42 6.74 -15.48 5.40
N GLU A 43 5.76 -15.00 4.63
CA GLU A 43 5.97 -14.47 3.25
C GLU A 43 6.39 -13.00 3.39
N LYS A 44 7.58 -12.78 3.93
CA LYS A 44 8.05 -11.47 4.41
C LYS A 44 8.48 -10.59 3.25
N ASP A 45 8.76 -11.16 2.09
CA ASP A 45 9.48 -10.42 1.03
C ASP A 45 8.62 -9.27 0.44
N TYR A 46 7.31 -9.29 0.65
CA TYR A 46 6.42 -8.26 0.10
C TYR A 46 6.33 -7.03 1.02
N PHE A 47 6.92 -7.14 2.20
CA PHE A 47 6.72 -6.15 3.28
C PHE A 47 8.04 -5.45 3.63
N GLY A 48 7.87 -4.36 4.38
CA GLY A 48 8.98 -3.62 4.92
C GLY A 48 8.57 -2.71 6.05
N LEU A 49 9.53 -1.97 6.54
CA LEU A 49 9.26 -0.91 7.53
C LEU A 49 9.58 0.45 6.92
N THR A 50 8.75 1.43 7.24
CA THR A 50 8.98 2.80 6.84
C THR A 50 9.28 3.66 8.10
N TYR A 51 10.00 4.73 7.86
CA TYR A 51 10.22 5.78 8.89
C TYR A 51 10.10 7.13 8.21
N ARG A 52 9.96 8.17 9.02
CA ARG A 52 9.89 9.57 8.55
C ARG A 52 11.20 10.25 8.89
N ASP A 53 11.79 10.90 7.91
CA ASP A 53 13.08 11.63 8.00
C ASP A 53 12.82 13.06 8.50
N ALA A 54 13.87 13.84 8.66
CA ALA A 54 13.81 15.21 9.26
C ALA A 54 13.02 16.15 8.35
N GLU A 55 12.85 15.78 7.07
CA GLU A 55 12.06 16.56 6.08
C GLU A 55 10.58 16.09 6.06
N ASN A 56 10.27 15.07 6.91
CA ASN A 56 8.92 14.45 7.06
C ASN A 56 8.60 13.61 5.82
N GLN A 57 9.62 13.12 5.10
CA GLN A 57 9.40 12.23 3.95
C GLN A 57 9.46 10.77 4.42
N LYS A 58 8.56 9.95 3.86
CA LYS A 58 8.50 8.48 4.05
C LYS A 58 9.75 7.88 3.41
N ASN A 59 10.45 7.02 4.16
CA ASN A 59 11.62 6.26 3.64
C ASN A 59 11.40 4.79 4.00
N TRP A 60 11.85 3.87 3.16
CA TRP A 60 11.97 2.45 3.51
C TRP A 60 13.23 2.27 4.36
N LEU A 61 13.10 1.50 5.43
CA LEU A 61 14.23 1.09 6.26
C LEU A 61 14.97 -0.01 5.48
N ASP A 62 16.23 0.25 5.19
CA ASP A 62 17.10 -0.70 4.45
C ASP A 62 17.52 -1.78 5.42
N PRO A 63 17.19 -3.05 5.16
CA PRO A 63 17.51 -4.12 6.10
C PRO A 63 19.01 -4.39 6.19
N ALA A 64 19.83 -3.97 5.21
CA ALA A 64 21.29 -4.22 5.18
C ALA A 64 22.06 -3.17 5.97
N LYS A 65 21.40 -2.07 6.35
CA LYS A 65 22.11 -0.92 6.92
C LYS A 65 21.72 -0.73 8.39
N GLU A 66 22.63 -0.19 9.19
CA GLU A 66 22.33 0.17 10.59
C GLU A 66 21.11 1.09 10.68
N ILE A 67 20.19 0.76 11.58
CA ILE A 67 19.02 1.61 11.80
C ILE A 67 19.46 3.04 12.18
N LYS A 68 20.49 3.17 13.00
CA LYS A 68 20.90 4.50 13.50
C LYS A 68 21.39 5.39 12.35
N LYS A 69 22.00 4.79 11.33
CA LYS A 69 22.52 5.58 10.19
C LYS A 69 21.40 5.98 9.23
N GLN A 70 20.18 5.49 9.48
CA GLN A 70 18.98 5.79 8.65
C GLN A 70 18.13 6.82 9.39
N VAL A 71 17.71 6.50 10.61
CA VAL A 71 16.83 7.44 11.39
C VAL A 71 17.63 8.67 11.83
N ARG A 72 18.94 8.53 11.99
CA ARG A 72 19.87 9.64 12.29
C ARG A 72 19.37 10.43 13.50
N SER A 73 18.78 11.62 13.32
CA SER A 73 18.40 12.51 14.45
C SER A 73 17.01 12.15 14.96
N GLY A 74 16.28 11.29 14.26
CA GLY A 74 14.86 11.06 14.53
C GLY A 74 14.60 9.95 15.54
N ALA A 75 13.33 9.86 15.90
CA ALA A 75 12.83 8.84 16.80
C ALA A 75 12.90 7.48 16.12
N TRP A 76 13.01 6.43 16.91
CA TRP A 76 12.99 5.03 16.41
C TRP A 76 11.52 4.57 16.35
N HIS A 77 10.78 5.27 15.50
CA HIS A 77 9.34 5.09 15.25
C HIS A 77 9.17 4.66 13.77
N PHE A 78 8.45 3.58 13.57
CA PHE A 78 8.34 2.94 12.23
C PHE A 78 6.89 2.60 11.96
N SER A 79 6.60 2.27 10.70
CA SER A 79 5.30 1.62 10.32
C SER A 79 5.61 0.35 9.54
N PHE A 80 4.80 -0.66 9.71
CA PHE A 80 4.85 -1.91 8.94
C PHE A 80 3.95 -1.74 7.73
N ASN A 81 4.51 -1.95 6.53
CA ASN A 81 3.77 -1.68 5.29
C ASN A 81 4.09 -2.71 4.20
N VAL A 82 3.18 -2.77 3.24
CA VAL A 82 3.48 -3.52 2.00
C VAL A 82 4.45 -2.71 1.18
N LYS A 83 5.52 -3.33 0.72
CA LYS A 83 6.53 -2.67 -0.10
C LYS A 83 6.33 -3.04 -1.58
N PHE A 84 5.99 -4.29 -1.82
CA PHE A 84 5.77 -4.80 -3.20
C PHE A 84 4.42 -5.44 -3.28
N TYR A 85 3.50 -4.74 -3.96
CA TYR A 85 2.12 -5.22 -4.05
C TYR A 85 2.09 -6.30 -5.12
N PRO A 86 1.61 -7.51 -4.79
CA PRO A 86 1.62 -8.60 -5.78
C PRO A 86 0.55 -8.39 -6.83
N PRO A 87 0.89 -8.52 -8.12
CA PRO A 87 -0.10 -8.39 -9.17
C PRO A 87 -1.13 -9.53 -9.12
N ASP A 88 -0.78 -10.66 -8.51
CA ASP A 88 -1.66 -11.85 -8.43
C ASP A 88 -1.72 -12.33 -7.00
N PRO A 89 -2.45 -11.65 -6.09
CA PRO A 89 -2.49 -12.13 -4.73
C PRO A 89 -3.02 -13.56 -4.52
N ALA A 90 -3.73 -14.16 -5.49
CA ALA A 90 -4.19 -15.55 -5.33
C ALA A 90 -2.99 -16.51 -5.30
N GLN A 91 -1.83 -16.11 -5.81
CA GLN A 91 -0.65 -16.99 -5.89
C GLN A 91 0.16 -16.90 -4.60
N LEU A 92 -0.19 -16.01 -3.66
CA LEU A 92 0.51 -16.04 -2.36
C LEU A 92 0.24 -17.39 -1.70
N SER A 93 1.23 -17.93 -1.00
CA SER A 93 1.15 -19.26 -0.32
C SER A 93 0.15 -19.26 0.85
N GLU A 94 0.03 -18.17 1.61
CA GLU A 94 -0.67 -18.18 2.90
C GLU A 94 -1.79 -17.14 2.97
N ASP A 95 -2.90 -17.56 3.59
CA ASP A 95 -4.04 -16.66 3.84
C ASP A 95 -3.56 -15.48 4.71
N ILE A 96 -2.66 -15.67 5.69
CA ILE A 96 -2.31 -14.55 6.60
C ILE A 96 -1.60 -13.46 5.80
N THR A 97 -0.88 -13.80 4.74
CA THR A 97 -0.18 -12.79 3.90
C THR A 97 -1.26 -11.96 3.19
N ARG A 98 -2.28 -12.63 2.64
CA ARG A 98 -3.43 -11.90 2.02
C ARG A 98 -4.12 -11.02 3.05
N TYR A 99 -4.26 -11.49 4.31
CA TYR A 99 -4.94 -10.67 5.35
C TYR A 99 -4.17 -9.36 5.56
N TYR A 100 -2.86 -9.42 5.71
CA TYR A 100 -2.08 -8.17 5.88
C TYR A 100 -2.17 -7.28 4.64
N LEU A 101 -2.16 -7.87 3.44
CA LEU A 101 -2.30 -7.05 2.22
C LEU A 101 -3.67 -6.35 2.25
N CYS A 102 -4.75 -7.07 2.63
CA CYS A 102 -6.08 -6.40 2.74
C CYS A 102 -6.00 -5.23 3.72
N LEU A 103 -5.34 -5.39 4.86
CA LEU A 103 -5.30 -4.29 5.87
C LEU A 103 -4.57 -3.08 5.23
N GLN A 104 -3.47 -3.31 4.52
CA GLN A 104 -2.76 -2.22 3.84
C GLN A 104 -3.66 -1.53 2.84
N LEU A 105 -4.34 -2.31 2.00
CA LEU A 105 -5.22 -1.71 0.97
C LEU A 105 -6.37 -0.92 1.59
N ARG A 106 -6.90 -1.42 2.71
CA ARG A 106 -7.94 -0.65 3.42
C ARG A 106 -7.39 0.73 3.75
N ASP A 107 -6.19 0.76 4.28
CA ASP A 107 -5.60 2.07 4.64
C ASP A 107 -5.32 2.91 3.40
N ASP A 108 -4.86 2.29 2.33
CA ASP A 108 -4.64 3.01 1.05
C ASP A 108 -5.95 3.63 0.57
N ILE A 109 -7.06 2.94 0.75
CA ILE A 109 -8.37 3.50 0.31
C ILE A 109 -8.82 4.62 1.25
N VAL A 110 -8.85 4.37 2.54
CA VAL A 110 -9.32 5.39 3.51
C VAL A 110 -8.47 6.66 3.44
N SER A 111 -7.16 6.54 3.20
CA SER A 111 -6.23 7.67 3.12
C SER A 111 -6.46 8.49 1.85
N GLY A 112 -7.15 7.92 0.85
CA GLY A 112 -7.30 8.52 -0.49
C GLY A 112 -6.13 8.24 -1.42
N ARG A 113 -5.12 7.47 -1.00
CA ARG A 113 -3.99 7.12 -1.89
C ARG A 113 -4.46 6.22 -3.04
N LEU A 114 -5.49 5.41 -2.82
CA LEU A 114 -6.00 4.45 -3.83
C LEU A 114 -7.43 4.86 -4.19
N PRO A 115 -7.61 5.63 -5.27
CA PRO A 115 -8.94 6.07 -5.68
C PRO A 115 -9.77 4.86 -6.10
N CYS A 116 -11.07 5.03 -5.96
N CYS A 116 -11.05 4.91 -5.71
CA CYS A 116 -12.03 3.91 -6.11
CA CYS A 116 -12.09 3.91 -6.04
C CYS A 116 -13.42 4.47 -6.35
C CYS A 116 -13.36 4.61 -6.52
N SER A 117 -14.16 3.91 -7.33
CA SER A 117 -15.55 4.30 -7.59
C SER A 117 -16.42 4.03 -6.35
N PHE A 118 -17.54 4.73 -6.30
CA PHE A 118 -18.55 4.52 -5.24
C PHE A 118 -18.90 3.03 -5.13
N VAL A 119 -19.24 2.41 -6.27
CA VAL A 119 -19.72 1.02 -6.19
C VAL A 119 -18.58 0.11 -5.71
N THR A 120 -17.38 0.29 -6.21
CA THR A 120 -16.26 -0.56 -5.77
C THR A 120 -15.93 -0.30 -4.28
N LEU A 121 -16.03 0.95 -3.84
CA LEU A 121 -15.82 1.22 -2.38
C LEU A 121 -16.81 0.34 -1.59
N ALA A 122 -18.07 0.37 -1.98
CA ALA A 122 -19.13 -0.39 -1.30
C ALA A 122 -18.82 -1.87 -1.35
N LEU A 123 -18.47 -2.37 -2.53
CA LEU A 123 -18.19 -3.82 -2.67
C LEU A 123 -17.01 -4.24 -1.79
N LEU A 124 -15.92 -3.51 -1.86
CA LEU A 124 -14.75 -3.80 -1.01
C LEU A 124 -15.16 -3.74 0.46
N GLY A 125 -15.93 -2.72 0.83
CA GLY A 125 -16.41 -2.61 2.22
C GLY A 125 -17.25 -3.82 2.63
N SER A 126 -18.09 -4.30 1.73
CA SER A 126 -18.97 -5.45 2.02
C SER A 126 -18.10 -6.67 2.33
N TYR A 127 -17.05 -6.87 1.57
CA TYR A 127 -16.15 -8.02 1.84
C TYR A 127 -15.40 -7.87 3.16
N THR A 128 -15.05 -6.63 3.49
CA THR A 128 -14.40 -6.40 4.80
C THR A 128 -15.40 -6.78 5.91
N VAL A 129 -16.65 -6.30 5.81
CA VAL A 129 -17.64 -6.61 6.87
C VAL A 129 -17.86 -8.13 6.95
N GLN A 130 -17.94 -8.81 5.80
CA GLN A 130 -18.16 -10.28 5.83
C GLN A 130 -16.97 -10.92 6.58
N SER A 131 -15.74 -10.49 6.33
CA SER A 131 -14.55 -11.10 7.00
CA SER A 131 -14.55 -11.09 7.01
CA SER A 131 -14.54 -11.07 7.00
C SER A 131 -14.57 -10.79 8.51
N GLU A 132 -14.94 -9.58 8.87
CA GLU A 132 -14.82 -9.18 10.29
C GLU A 132 -16.01 -9.58 11.13
N LEU A 133 -17.20 -9.60 10.55
CA LEU A 133 -18.42 -9.88 11.34
C LEU A 133 -19.00 -11.25 11.00
N GLY A 134 -18.71 -11.80 9.83
CA GLY A 134 -19.46 -12.95 9.29
C GLY A 134 -20.75 -12.48 8.66
N ASP A 135 -21.74 -13.36 8.66
CA ASP A 135 -22.97 -13.19 7.83
C ASP A 135 -23.77 -12.01 8.33
N TYR A 136 -24.45 -11.36 7.38
CA TYR A 136 -25.39 -10.27 7.66
C TYR A 136 -26.36 -10.68 8.77
N ASP A 137 -26.48 -9.73 9.73
N ASP A 137 -26.65 -9.77 9.68
CA ASP A 137 -27.18 -9.85 11.03
CA ASP A 137 -27.81 -9.94 10.62
C ASP A 137 -28.17 -8.69 11.17
C ASP A 137 -28.45 -8.56 10.67
N PRO A 138 -29.47 -8.91 10.88
N PRO A 138 -29.79 -8.43 10.63
CA PRO A 138 -30.45 -7.83 11.00
CA PRO A 138 -30.40 -7.11 10.69
C PRO A 138 -30.74 -7.37 12.44
C PRO A 138 -30.02 -6.29 11.92
N ASP A 139 -30.29 -8.13 13.44
N ASP A 139 -29.57 -6.94 13.01
CA ASP A 139 -30.40 -7.78 14.89
CA ASP A 139 -29.03 -6.30 14.23
C ASP A 139 -29.55 -6.55 15.14
C ASP A 139 -27.80 -5.45 13.88
N GLU A 140 -28.44 -6.44 14.40
N GLU A 140 -27.13 -5.72 12.75
CA GLU A 140 -27.38 -5.42 14.65
CA GLU A 140 -25.82 -5.10 12.41
C GLU A 140 -27.57 -4.26 13.68
C GLU A 140 -26.06 -3.66 11.93
N CYS A 141 -28.33 -4.46 12.61
N CYS A 141 -27.23 -3.35 11.38
CA CYS A 141 -28.41 -3.54 11.46
CA CYS A 141 -27.54 -2.02 10.74
C CYS A 141 -29.85 -3.10 11.18
C CYS A 141 -27.47 -0.88 11.77
N GLY A 142 -30.20 -1.91 11.65
N GLY A 142 -27.75 -1.17 13.05
CA GLY A 142 -31.46 -1.21 11.35
CA GLY A 142 -27.74 -0.18 14.15
C GLY A 142 -31.32 -0.27 10.17
C GLY A 142 -26.56 -0.36 15.09
N SER A 143 -32.39 0.48 9.86
N SER A 143 -25.70 -1.38 14.85
CA SER A 143 -32.47 1.42 8.73
CA SER A 143 -24.52 -1.69 15.69
C SER A 143 -31.50 2.58 8.94
C SER A 143 -23.55 -0.50 15.68
N ASP A 144 -31.07 2.82 10.18
N ASP A 144 -22.80 -0.37 16.76
CA ASP A 144 -30.19 3.97 10.55
CA ASP A 144 -21.70 0.62 16.88
C ASP A 144 -28.72 3.55 10.73
C ASP A 144 -20.63 0.28 15.85
N TYR A 145 -28.34 2.36 10.24
N TYR A 145 -20.45 -1.01 15.57
CA TYR A 145 -27.00 1.77 10.51
CA TYR A 145 -19.39 -1.48 14.63
C TYR A 145 -25.87 2.58 9.81
C TYR A 145 -19.70 -0.93 13.24
N ILE A 146 -24.86 2.92 10.59
N ILE A 146 -20.90 -1.16 12.71
CA ILE A 146 -23.53 3.36 10.09
CA ILE A 146 -21.24 -0.62 11.36
C ILE A 146 -22.48 2.45 10.70
C ILE A 146 -21.14 0.91 11.40
N SER A 147 -21.71 1.78 9.86
N SER A 147 -21.64 1.52 12.48
CA SER A 147 -20.62 0.88 10.29
CA SER A 147 -21.62 2.98 12.58
C SER A 147 -19.60 1.66 11.14
C SER A 147 -20.17 3.46 12.43
N GLU A 148 -18.97 0.97 12.09
N GLU A 148 -19.21 2.75 13.03
CA GLU A 148 -17.80 1.50 12.85
CA GLU A 148 -17.81 3.24 13.18
C GLU A 148 -16.59 1.43 11.91
C GLU A 148 -16.94 2.82 11.98
N PHE A 149 -16.67 0.62 10.84
N PHE A 149 -17.42 1.99 11.07
CA PHE A 149 -15.58 0.49 9.87
CA PHE A 149 -16.53 1.22 10.16
C PHE A 149 -15.66 1.70 8.94
C PHE A 149 -15.87 2.15 9.09
N ARG A 150 -14.52 2.29 8.89
CA ARG A 150 -14.08 3.27 7.89
C ARG A 150 -13.81 2.51 6.61
N PHE A 151 -14.46 2.96 5.52
N PHE A 151 -14.29 3.00 5.48
CA PHE A 151 -14.41 2.38 4.16
CA PHE A 151 -13.94 2.31 4.21
C PHE A 151 -13.68 3.28 3.15
C PHE A 151 -13.91 3.29 3.03
N ALA A 152 -13.78 4.58 3.33
CA ALA A 152 -13.49 5.58 2.31
C ALA A 152 -12.98 6.84 2.99
N PRO A 153 -12.38 7.76 2.24
CA PRO A 153 -11.94 9.01 2.86
C PRO A 153 -13.07 9.75 3.56
N ASN A 154 -14.24 9.74 2.97
CA ASN A 154 -15.46 10.20 3.71
C ASN A 154 -16.63 9.37 3.20
N HIS A 155 -17.65 9.43 3.99
CA HIS A 155 -18.76 8.50 3.92
C HIS A 155 -20.07 9.25 3.75
N THR A 156 -21.00 8.60 3.08
CA THR A 156 -22.38 9.04 3.02
C THR A 156 -23.26 7.90 3.49
N LYS A 157 -24.50 8.25 3.80
CA LYS A 157 -25.44 7.17 4.19
CA LYS A 157 -25.51 7.21 4.16
C LYS A 157 -25.69 6.28 2.95
N GLU A 158 -25.72 6.82 1.75
CA GLU A 158 -25.96 6.00 0.55
C GLU A 158 -24.84 4.94 0.51
N LEU A 159 -23.59 5.33 0.79
CA LEU A 159 -22.48 4.37 0.77
C LEU A 159 -22.72 3.28 1.84
N GLU A 160 -23.03 3.67 3.05
CA GLU A 160 -23.28 2.67 4.12
CA GLU A 160 -23.27 2.69 4.14
C GLU A 160 -24.38 1.73 3.71
N ASP A 161 -25.45 2.26 3.07
CA ASP A 161 -26.60 1.42 2.68
C ASP A 161 -26.15 0.41 1.60
N LYS A 162 -25.28 0.84 0.70
CA LYS A 162 -24.81 -0.06 -0.39
C LYS A 162 -23.96 -1.18 0.19
N VAL A 163 -23.08 -0.85 1.14
CA VAL A 163 -22.26 -1.88 1.83
C VAL A 163 -23.20 -2.96 2.41
N ILE A 164 -24.27 -2.55 3.07
CA ILE A 164 -25.27 -3.46 3.69
CA ILE A 164 -25.21 -3.50 3.70
C ILE A 164 -25.86 -4.34 2.59
N GLU A 165 -26.37 -3.71 1.54
CA GLU A 165 -27.07 -4.42 0.44
C GLU A 165 -26.13 -5.50 -0.09
N LEU A 166 -24.86 -5.15 -0.31
CA LEU A 166 -23.91 -6.11 -0.85
C LEU A 166 -23.52 -7.17 0.18
N HIS A 167 -23.44 -6.79 1.45
CA HIS A 167 -23.12 -7.73 2.53
C HIS A 167 -24.15 -8.85 2.58
N LYS A 168 -25.41 -8.47 2.38
CA LYS A 168 -26.48 -9.48 2.42
C LYS A 168 -26.21 -10.64 1.45
N SER A 169 -25.55 -10.37 0.33
CA SER A 169 -25.33 -11.32 -0.79
C SER A 169 -24.21 -12.28 -0.45
N HIS A 170 -23.42 -12.05 0.62
CA HIS A 170 -22.19 -12.83 0.89
C HIS A 170 -22.43 -13.97 1.91
N ARG A 171 -23.67 -14.37 2.17
CA ARG A 171 -23.93 -15.29 3.31
CA ARG A 171 -23.98 -15.33 3.27
C ARG A 171 -23.19 -16.62 3.03
N GLY A 172 -22.48 -17.08 4.07
CA GLY A 172 -21.72 -18.33 4.06
C GLY A 172 -20.26 -18.13 3.74
N MET A 173 -19.87 -16.94 3.29
CA MET A 173 -18.48 -16.68 2.89
C MET A 173 -17.57 -16.58 4.12
N THR A 174 -16.49 -17.35 4.13
CA THR A 174 -15.50 -17.37 5.23
C THR A 174 -14.62 -16.14 5.11
N PRO A 175 -13.89 -15.80 6.20
CA PRO A 175 -12.97 -14.68 6.12
C PRO A 175 -11.95 -14.80 4.97
N ALA A 176 -11.35 -15.97 4.78
CA ALA A 176 -10.29 -16.13 3.76
C ALA A 176 -10.92 -15.94 2.39
N GLU A 177 -12.16 -16.39 2.24
CA GLU A 177 -12.86 -16.25 0.94
C GLU A 177 -13.16 -14.77 0.67
N ALA A 178 -13.63 -14.06 1.69
CA ALA A 178 -13.96 -12.63 1.56
C ALA A 178 -12.68 -11.83 1.30
N GLU A 179 -11.56 -12.22 1.92
CA GLU A 179 -10.27 -11.55 1.69
C GLU A 179 -9.80 -11.79 0.27
N MET A 180 -9.97 -13.00 -0.24
CA MET A 180 -9.59 -13.26 -1.62
C MET A 180 -10.46 -12.45 -2.59
N HIS A 181 -11.76 -12.34 -2.34
CA HIS A 181 -12.65 -11.52 -3.20
C HIS A 181 -12.22 -10.05 -3.14
N PHE A 182 -11.92 -9.58 -1.93
CA PHE A 182 -11.44 -8.19 -1.75
C PHE A 182 -10.26 -7.94 -2.70
N LEU A 183 -9.29 -8.83 -2.65
CA LEU A 183 -8.04 -8.62 -3.39
C LEU A 183 -8.24 -8.78 -4.90
N GLU A 184 -9.13 -9.66 -5.33
CA GLU A 184 -9.38 -9.88 -6.78
C GLU A 184 -9.97 -8.58 -7.35
N ASN A 185 -10.72 -7.83 -6.55
CA ASN A 185 -11.29 -6.54 -7.00
C ASN A 185 -10.27 -5.41 -6.86
N ALA A 186 -9.59 -5.34 -5.72
CA ALA A 186 -8.63 -4.25 -5.45
C ALA A 186 -7.51 -4.24 -6.48
N LYS A 187 -7.02 -5.39 -6.90
CA LYS A 187 -5.85 -5.47 -7.80
C LYS A 187 -6.17 -4.87 -9.16
N LYS A 188 -7.44 -4.64 -9.50
CA LYS A 188 -7.82 -4.06 -10.81
C LYS A 188 -7.86 -2.53 -10.77
N LEU A 189 -7.77 -1.93 -9.57
CA LEU A 189 -7.85 -0.47 -9.49
C LEU A 189 -6.62 0.13 -10.20
N SER A 190 -6.81 1.23 -10.89
CA SER A 190 -5.73 1.82 -11.73
C SER A 190 -4.48 2.14 -10.88
N MET A 191 -4.65 2.50 -9.61
CA MET A 191 -3.50 2.99 -8.79
C MET A 191 -3.03 1.88 -7.83
N TYR A 192 -3.57 0.67 -7.99
CA TYR A 192 -3.17 -0.46 -7.10
C TYR A 192 -1.63 -0.59 -7.09
N GLY A 193 -1.02 -0.48 -5.91
CA GLY A 193 0.43 -0.70 -5.74
C GLY A 193 1.28 0.41 -6.37
N VAL A 194 0.72 1.55 -6.75
CA VAL A 194 1.52 2.59 -7.47
C VAL A 194 2.06 3.56 -6.41
N ASP A 195 3.38 3.67 -6.35
CA ASP A 195 4.07 4.60 -5.43
C ASP A 195 4.31 5.90 -6.22
N LEU A 196 3.72 7.00 -5.76
CA LEU A 196 3.74 8.29 -6.48
C LEU A 196 4.81 9.21 -5.94
N HIS A 197 5.50 9.86 -6.87
CA HIS A 197 6.59 10.84 -6.58
C HIS A 197 6.40 12.12 -7.39
N HIS A 198 6.30 13.25 -6.72
CA HIS A 198 6.22 14.60 -7.36
C HIS A 198 7.53 14.88 -8.09
N ALA A 199 7.44 15.33 -9.34
CA ALA A 199 8.60 15.79 -10.13
C ALA A 199 8.15 16.84 -11.18
N LYS A 200 9.12 17.50 -11.80
CA LYS A 200 8.94 18.29 -13.03
C LYS A 200 9.58 17.55 -14.20
N ASP A 201 8.99 17.66 -15.38
CA ASP A 201 9.57 17.13 -16.64
C ASP A 201 10.71 18.09 -17.03
N SER A 202 11.42 17.80 -18.11
CA SER A 202 12.58 18.60 -18.61
C SER A 202 12.13 20.02 -18.98
N GLU A 203 10.82 20.25 -19.14
CA GLU A 203 10.25 21.58 -19.51
C GLU A 203 9.76 22.31 -18.26
N GLY A 204 10.02 21.78 -17.05
CA GLY A 204 9.66 22.39 -15.76
C GLY A 204 8.18 22.22 -15.40
N VAL A 205 7.42 21.41 -16.15
CA VAL A 205 5.97 21.15 -15.89
C VAL A 205 5.85 20.12 -14.77
N GLU A 206 5.05 20.41 -13.74
CA GLU A 206 4.81 19.48 -12.60
C GLU A 206 4.03 18.24 -13.06
N ILE A 207 4.61 17.06 -12.79
CA ILE A 207 4.00 15.74 -13.12
C ILE A 207 4.07 14.87 -11.87
N MET A 208 3.43 13.71 -11.91
CA MET A 208 3.66 12.65 -10.92
C MET A 208 4.32 11.47 -11.63
N LEU A 209 5.32 10.86 -10.99
CA LEU A 209 5.93 9.62 -11.46
C LEU A 209 5.45 8.48 -10.55
N GLY A 210 4.88 7.45 -11.17
CA GLY A 210 4.41 6.27 -10.45
C GLY A 210 5.32 5.10 -10.69
N VAL A 211 5.63 4.38 -9.62
CA VAL A 211 6.44 3.14 -9.64
C VAL A 211 5.55 1.97 -9.20
N CYS A 212 5.56 0.91 -9.98
CA CYS A 212 4.75 -0.27 -9.66
C CYS A 212 5.31 -1.50 -10.38
N ALA A 213 4.64 -2.62 -10.18
CA ALA A 213 5.05 -3.94 -10.71
C ALA A 213 5.28 -3.86 -12.20
N SER A 214 4.46 -3.14 -12.94
CA SER A 214 4.46 -3.28 -14.42
C SER A 214 5.48 -2.29 -14.99
N GLY A 215 5.84 -1.26 -14.24
CA GLY A 215 6.84 -0.33 -14.72
C GLY A 215 6.68 1.05 -14.17
N LEU A 216 7.00 2.04 -15.00
CA LEU A 216 6.95 3.48 -14.67
C LEU A 216 5.81 4.16 -15.38
N LEU A 217 5.12 5.01 -14.63
CA LEU A 217 3.97 5.79 -15.13
C LEU A 217 4.28 7.27 -14.97
N ILE A 218 3.98 8.04 -16.02
CA ILE A 218 4.09 9.50 -15.97
C ILE A 218 2.66 10.03 -16.05
N TYR A 219 2.22 10.72 -15.02
CA TYR A 219 0.86 11.32 -14.97
C TYR A 219 0.97 12.83 -15.20
N ARG A 220 0.21 13.34 -16.16
CA ARG A 220 0.12 14.81 -16.39
C ARG A 220 -1.24 15.28 -15.86
N ASP A 221 -1.30 15.59 -14.55
CA ASP A 221 -2.33 16.41 -13.84
C ASP A 221 -3.46 15.52 -13.28
N ARG A 222 -3.11 14.40 -12.61
CA ARG A 222 -4.02 13.34 -12.09
C ARG A 222 -4.56 12.48 -13.25
N LEU A 223 -3.87 12.51 -14.40
CA LEU A 223 -4.25 11.74 -15.62
C LEU A 223 -3.05 10.92 -16.13
N ARG A 224 -3.23 9.60 -16.22
CA ARG A 224 -2.25 8.68 -16.85
C ARG A 224 -1.96 9.25 -18.23
N ILE A 225 -0.69 9.29 -18.61
CA ILE A 225 -0.25 9.70 -19.97
C ILE A 225 0.66 8.58 -20.44
N ASN A 226 1.87 8.53 -19.90
CA ASN A 226 2.97 7.76 -20.51
C ASN A 226 3.29 6.56 -19.62
N ARG A 227 3.58 5.42 -20.24
CA ARG A 227 3.89 4.17 -19.55
C ARG A 227 5.20 3.65 -20.15
N PHE A 228 6.09 3.19 -19.27
CA PHE A 228 7.33 2.46 -19.60
C PHE A 228 7.34 1.15 -18.80
N ALA A 229 6.96 0.05 -19.46
CA ALA A 229 7.03 -1.30 -18.86
C ALA A 229 8.49 -1.60 -18.53
N TRP A 230 8.73 -2.32 -17.45
CA TRP A 230 10.11 -2.64 -16.97
C TRP A 230 10.96 -3.19 -18.11
N PRO A 231 10.47 -4.14 -18.96
CA PRO A 231 11.28 -4.59 -20.11
C PRO A 231 11.78 -3.47 -21.04
N LYS A 232 11.11 -2.32 -21.11
CA LYS A 232 11.53 -1.18 -21.99
C LYS A 232 12.57 -0.31 -21.27
N VAL A 233 12.80 -0.50 -19.96
CA VAL A 233 13.68 0.41 -19.17
C VAL A 233 15.06 -0.21 -19.17
N LEU A 234 16.00 0.44 -19.84
CA LEU A 234 17.38 -0.07 -19.95
C LEU A 234 18.15 0.22 -18.66
N LYS A 235 18.12 1.48 -18.20
CA LYS A 235 18.95 1.98 -17.07
C LYS A 235 18.22 3.17 -16.40
N ILE A 236 18.39 3.34 -15.08
CA ILE A 236 17.89 4.55 -14.36
C ILE A 236 19.00 5.06 -13.45
N SER A 237 19.09 6.36 -13.29
CA SER A 237 20.21 6.98 -12.56
C SER A 237 19.72 8.25 -11.88
N TYR A 238 20.50 8.73 -10.93
CA TYR A 238 20.26 10.07 -10.38
C TYR A 238 21.60 10.81 -10.27
N LYS A 239 21.47 12.12 -10.21
CA LYS A 239 22.63 13.01 -10.00
C LYS A 239 22.08 14.36 -9.55
N ARG A 240 22.56 14.87 -8.42
CA ARG A 240 22.05 16.15 -7.86
C ARG A 240 20.56 15.91 -7.61
N ASN A 241 19.66 16.74 -8.13
CA ASN A 241 18.21 16.49 -7.92
C ASN A 241 17.55 16.01 -9.20
N ASN A 242 18.35 15.47 -10.11
CA ASN A 242 17.85 14.94 -11.39
C ASN A 242 17.74 13.42 -11.31
N PHE A 243 16.70 12.92 -11.98
CA PHE A 243 16.40 11.48 -12.19
C PHE A 243 16.27 11.23 -13.68
N TYR A 244 16.93 10.19 -14.13
CA TYR A 244 17.04 9.82 -15.56
C TYR A 244 16.57 8.39 -15.80
N ILE A 245 15.71 8.27 -16.83
CA ILE A 245 15.18 7.00 -17.37
C ILE A 245 15.80 6.85 -18.76
N LYS A 246 16.61 5.81 -18.98
CA LYS A 246 17.02 5.37 -20.34
C LYS A 246 16.09 4.28 -20.88
N ILE A 247 15.45 4.57 -22.03
CA ILE A 247 14.43 3.67 -22.67
C ILE A 247 15.09 2.96 -23.86
N ARG A 248 15.06 1.62 -23.84
CA ARG A 248 15.59 0.75 -24.93
C ARG A 248 15.14 1.26 -26.29
N PRO A 249 16.01 1.23 -27.31
CA PRO A 249 15.59 1.57 -28.66
C PRO A 249 14.54 0.55 -29.13
N GLY A 250 13.54 1.03 -29.88
CA GLY A 250 12.74 0.22 -30.83
C GLY A 250 13.64 -0.62 -31.69
N GLU A 251 13.10 -1.67 -32.30
CA GLU A 251 13.90 -2.77 -32.93
C GLU A 251 15.02 -2.16 -33.76
N PHE A 252 14.71 -1.31 -34.74
CA PHE A 252 15.69 -0.83 -35.74
C PHE A 252 16.20 0.58 -35.44
N GLU A 253 15.97 1.10 -34.23
CA GLU A 253 16.53 2.41 -33.83
C GLU A 253 17.95 2.18 -33.32
N GLN A 254 18.82 3.15 -33.56
CA GLN A 254 20.27 3.06 -33.30
C GLN A 254 20.56 3.21 -31.80
N PHE A 255 19.82 4.10 -31.10
CA PHE A 255 20.16 4.56 -29.74
C PHE A 255 18.96 4.57 -28.79
N GLU A 256 19.24 4.28 -27.51
CA GLU A 256 18.27 4.50 -26.41
C GLU A 256 17.84 5.97 -26.36
N SER A 257 16.65 6.27 -25.81
CA SER A 257 16.23 7.66 -25.49
C SER A 257 16.41 7.90 -23.98
N THR A 258 16.62 9.15 -23.58
CA THR A 258 16.75 9.60 -22.16
C THR A 258 15.60 10.55 -21.85
N ILE A 259 14.88 10.28 -20.76
CA ILE A 259 13.83 11.18 -20.23
C ILE A 259 14.38 11.60 -18.88
N GLY A 260 14.38 12.91 -18.64
CA GLY A 260 14.91 13.53 -17.43
C GLY A 260 13.81 14.18 -16.65
N PHE A 261 13.92 14.09 -15.34
CA PHE A 261 13.00 14.76 -14.39
C PHE A 261 13.82 15.43 -13.32
N LYS A 262 13.27 16.54 -12.85
CA LYS A 262 13.80 17.33 -11.73
C LYS A 262 12.95 16.96 -10.51
N LEU A 263 13.61 16.56 -9.44
CA LEU A 263 12.98 16.24 -8.13
C LEU A 263 13.22 17.40 -7.16
N PRO A 264 12.44 17.47 -6.07
CA PRO A 264 12.53 18.60 -5.14
C PRO A 264 13.92 18.81 -4.51
N ASN A 265 14.62 17.72 -4.24
CA ASN A 265 16.01 17.79 -3.74
C ASN A 265 16.75 16.50 -4.08
N HIS A 266 17.97 16.42 -3.63
CA HIS A 266 18.88 15.29 -3.94
C HIS A 266 18.30 14.02 -3.29
N ARG A 267 17.89 14.10 -2.03
CA ARG A 267 17.34 12.97 -1.25
C ARG A 267 16.14 12.41 -2.03
N ALA A 268 15.28 13.26 -2.58
CA ALA A 268 14.08 12.82 -3.32
C ALA A 268 14.51 12.04 -4.58
N ALA A 269 15.56 12.50 -5.26
CA ALA A 269 16.07 11.86 -6.50
C ALA A 269 16.63 10.50 -6.15
N LYS A 270 17.40 10.43 -5.08
CA LYS A 270 17.97 9.17 -4.58
C LYS A 270 16.83 8.23 -4.21
N ARG A 271 15.86 8.68 -3.42
CA ARG A 271 14.73 7.82 -2.96
C ARG A 271 14.03 7.19 -4.19
N LEU A 272 13.78 8.00 -5.20
CA LEU A 272 13.04 7.56 -6.40
C LEU A 272 13.89 6.50 -7.12
N TRP A 273 15.16 6.78 -7.30
CA TRP A 273 16.07 5.81 -7.95
C TRP A 273 15.99 4.49 -7.17
N LYS A 274 16.11 4.53 -5.85
CA LYS A 274 16.16 3.30 -5.02
CA LYS A 274 16.18 3.28 -5.04
C LYS A 274 14.86 2.50 -5.17
N VAL A 275 13.74 3.20 -5.09
CA VAL A 275 12.39 2.56 -5.21
C VAL A 275 12.36 1.89 -6.58
N CYS A 276 12.78 2.61 -7.62
CA CYS A 276 12.72 2.04 -8.99
C CYS A 276 13.60 0.80 -9.10
N VAL A 277 14.85 0.88 -8.68
CA VAL A 277 15.74 -0.30 -8.79
C VAL A 277 15.14 -1.47 -8.05
N GLU A 278 14.62 -1.25 -6.84
CA GLU A 278 14.04 -2.33 -6.01
C GLU A 278 12.84 -2.97 -6.74
N HIS A 279 11.94 -2.15 -7.26
CA HIS A 279 10.72 -2.66 -7.96
C HIS A 279 11.13 -3.38 -9.23
N HIS A 280 12.06 -2.82 -10.00
CA HIS A 280 12.50 -3.49 -11.25
C HIS A 280 13.06 -4.88 -10.93
N THR A 281 13.93 -4.95 -9.96
CA THR A 281 14.56 -6.21 -9.54
C THR A 281 13.48 -7.17 -9.06
N PHE A 282 12.64 -6.73 -8.13
CA PHE A 282 11.67 -7.66 -7.49
C PHE A 282 10.76 -8.24 -8.56
N PHE A 283 10.24 -7.40 -9.48
CA PHE A 283 9.17 -7.85 -10.40
C PHE A 283 9.74 -8.52 -11.64
N ARG A 284 11.00 -8.25 -11.98
CA ARG A 284 11.71 -9.02 -13.05
C ARG A 284 11.82 -10.47 -12.61
N LEU A 285 12.06 -10.71 -11.32
CA LEU A 285 12.45 -12.04 -10.77
C LEU A 285 11.23 -12.79 -10.22
N LEU A 286 10.18 -12.09 -9.83
CA LEU A 286 9.07 -12.71 -9.04
C LEU A 286 8.50 -13.93 -9.79
#